data_1RWL
#
_entry.id   1RWL
#
_cell.length_a   43.9400
_cell.length_b   94.5800
_cell.length_c   71.7700
_cell.angle_alpha   90.0000
_cell.angle_beta   98.1000
_cell.angle_gamma   90.0000
#
_symmetry.space_group_name_H-M   'P 1 21 1'
#
loop_
_entity.id
_entity.type
_entity.pdbx_description
1 polymer 'Serine/threonine-protein kinase pknD'
2 non-polymer 'CADMIUM ION'
3 water water
#
_entity_poly.entity_id   1
_entity_poly.type   'polypeptide(L)'
_entity_poly.pdbx_seq_one_letter_code
;RPSWSPTQASGQTVLPFTGIDFRLSPSGVAVDSAGNVYVTSEGMYGRVVKLATGSTGTTVLPFNGLYQPQGLAVDGAGTV
YVTDFNNRVVTLAAGSNNQTVLPFDGLNYPEGLAVDTQGAVYVADRGNNRVVKLAAGSKTQTVLPFTGLNDPDGVAVDNS
GNVYVTDTDNNRVVKLEAESNNQVVLPFTDITAPWGIAVDEAGTVYVTEHNTNQVVKLLAGSTTSTVLPFTGLNTPLAVA
VDSDRTVYVADRGNDRVVKLTSLEHHHHHH
;
_entity_poly.pdbx_strand_id   A
#
loop_
_chem_comp.id
_chem_comp.type
_chem_comp.name
_chem_comp.formula
CD non-polymer 'CADMIUM ION' 'Cd 2'
#
# COMPACT_ATOMS: atom_id res chain seq x y z
N GLY A 11 13.63 18.63 -0.38
CA GLY A 11 13.18 18.45 1.05
C GLY A 11 13.08 17.01 1.55
N GLN A 12 12.95 16.04 0.64
CA GLN A 12 12.85 14.62 0.99
C GLN A 12 14.09 14.07 1.67
N THR A 13 13.92 13.00 2.45
CA THR A 13 15.01 12.28 3.07
C THR A 13 14.94 10.76 2.75
N VAL A 14 16.10 10.11 2.74
CA VAL A 14 16.16 8.67 2.55
C VAL A 14 16.20 8.06 3.96
N LEU A 15 15.29 7.14 4.20
CA LEU A 15 15.27 6.37 5.44
C LEU A 15 16.51 5.49 5.51
N PRO A 16 17.13 5.47 6.67
CA PRO A 16 18.40 4.75 6.85
C PRO A 16 18.17 3.31 7.29
N PHE A 17 17.79 2.43 6.37
CA PHE A 17 17.78 1.00 6.65
C PHE A 17 19.25 0.57 6.72
N THR A 18 19.68 0.09 7.88
CA THR A 18 21.07 -0.37 8.07
C THR A 18 21.11 -1.85 8.40
N GLY A 19 22.32 -2.40 8.41
CA GLY A 19 22.56 -3.75 8.92
C GLY A 19 21.83 -4.84 8.17
N ILE A 20 21.84 -4.74 6.85
CA ILE A 20 20.99 -5.55 6.01
C ILE A 20 21.88 -6.27 5.00
N ASP A 21 21.62 -7.57 4.82
CA ASP A 21 22.50 -8.50 4.09
C ASP A 21 21.98 -8.75 2.66
N PHE A 22 20.91 -8.05 2.29
CA PHE A 22 20.19 -8.23 1.02
C PHE A 22 19.86 -6.85 0.48
N ARG A 23 19.71 -6.73 -0.84
CA ARG A 23 19.15 -5.50 -1.39
C ARG A 23 17.71 -5.34 -0.83
N LEU A 24 17.38 -4.11 -0.44
CA LEU A 24 16.10 -3.80 0.18
C LEU A 24 14.93 -4.17 -0.72
N SER A 25 15.03 -3.91 -2.01
CA SER A 25 14.00 -4.23 -2.98
C SER A 25 12.57 -3.89 -2.53
N PRO A 26 12.32 -2.66 -2.08
CA PRO A 26 11.04 -2.34 -1.41
C PRO A 26 9.85 -2.34 -2.38
N SER A 27 8.96 -3.31 -2.23
CA SER A 27 7.73 -3.39 -3.03
C SER A 27 6.51 -2.76 -2.36
N GLY A 28 6.61 -2.55 -1.05
CA GLY A 28 5.50 -2.10 -0.21
C GLY A 28 6.04 -1.37 0.99
N VAL A 29 5.19 -0.49 1.58
CA VAL A 29 5.57 0.34 2.71
C VAL A 29 4.33 0.68 3.56
N ALA A 30 4.49 0.51 4.86
CA ALA A 30 3.45 0.85 5.87
C ALA A 30 4.12 1.52 7.09
N VAL A 31 3.33 2.28 7.85
CA VAL A 31 3.84 3.05 8.99
C VAL A 31 2.80 2.90 10.08
N ASP A 32 3.24 2.44 11.25
CA ASP A 32 2.32 2.21 12.37
C ASP A 32 2.18 3.51 13.18
N SER A 33 1.48 3.46 14.31
CA SER A 33 1.27 4.67 15.14
C SER A 33 2.55 5.26 15.75
N ALA A 34 3.43 4.38 16.23
CA ALA A 34 4.70 4.84 16.79
C ALA A 34 5.70 5.36 15.76
N GLY A 35 5.34 5.26 14.46
CA GLY A 35 6.22 5.71 13.39
C GLY A 35 7.26 4.69 12.97
N ASN A 36 7.15 3.46 13.45
CA ASN A 36 7.86 2.33 12.87
C ASN A 36 7.49 2.16 11.43
N VAL A 37 8.49 2.05 10.58
CA VAL A 37 8.25 1.86 9.14
C VAL A 37 8.53 0.39 8.74
N TYR A 38 7.61 -0.19 8.02
CA TYR A 38 7.75 -1.54 7.52
C TYR A 38 7.83 -1.59 5.99
N VAL A 39 8.71 -2.43 5.46
CA VAL A 39 8.84 -2.65 4.03
C VAL A 39 8.87 -4.12 3.66
N THR A 40 8.21 -4.49 2.57
CA THR A 40 8.35 -5.78 1.99
C THR A 40 9.55 -5.74 1.07
N SER A 41 10.44 -6.70 1.26
CA SER A 41 11.66 -6.79 0.46
C SER A 41 11.45 -7.95 -0.48
N GLU A 42 11.35 -7.59 -1.75
CA GLU A 42 10.91 -8.50 -2.76
C GLU A 42 12.04 -9.48 -2.97
N GLY A 43 11.83 -10.48 -3.79
CA GLY A 43 12.93 -11.41 -4.01
C GLY A 43 12.54 -12.80 -3.59
N MET A 44 13.30 -13.75 -4.10
CA MET A 44 12.98 -15.17 -3.86
C MET A 44 12.80 -15.44 -2.37
N TYR A 45 13.74 -14.94 -1.58
CA TYR A 45 13.69 -14.98 -0.13
C TYR A 45 13.17 -13.65 0.35
N GLY A 46 11.85 -13.56 0.43
CA GLY A 46 11.18 -12.37 0.87
C GLY A 46 11.30 -12.10 2.35
N ARG A 47 11.28 -10.81 2.65
CA ARG A 47 11.46 -10.35 3.98
C ARG A 47 10.52 -9.18 4.26
N VAL A 48 10.11 -9.05 5.50
CA VAL A 48 9.56 -7.76 5.92
C VAL A 48 10.56 -7.18 6.86
N VAL A 49 10.95 -5.96 6.54
CA VAL A 49 11.91 -5.22 7.28
C VAL A 49 11.24 -4.06 8.00
N LYS A 50 11.65 -3.86 9.25
CA LYS A 50 11.04 -2.90 10.13
C LYS A 50 12.14 -1.94 10.63
N LEU A 51 12.02 -0.68 10.26
CA LEU A 51 12.86 0.39 10.80
C LEU A 51 12.15 1.03 12.00
N ALA A 52 12.83 1.15 13.14
CA ALA A 52 12.25 1.67 14.38
C ALA A 52 12.17 3.21 14.44
N GLY A 57 16.75 1.56 14.85
CA GLY A 57 17.45 0.41 14.32
C GLY A 57 16.59 -0.33 13.33
N THR A 58 17.16 -1.33 12.67
CA THR A 58 16.46 -2.16 11.69
C THR A 58 16.44 -3.61 12.12
N THR A 59 15.30 -4.29 11.90
CA THR A 59 15.19 -5.73 12.16
C THR A 59 14.35 -6.36 11.08
N VAL A 60 14.25 -7.68 11.15
CA VAL A 60 13.46 -8.46 10.21
C VAL A 60 12.42 -9.27 10.97
N LEU A 61 11.17 -9.10 10.55
CA LEU A 61 10.05 -9.78 11.20
C LEU A 61 10.07 -11.23 10.88
N PRO A 62 9.74 -12.06 11.85
CA PRO A 62 9.78 -13.50 11.63
C PRO A 62 8.64 -14.06 10.78
N PHE A 63 8.46 -13.57 9.56
CA PHE A 63 7.67 -14.30 8.57
C PHE A 63 8.55 -15.38 8.03
N ASN A 64 7.92 -16.50 7.68
CA ASN A 64 8.64 -17.64 7.15
C ASN A 64 8.14 -17.90 5.73
N GLY A 65 9.08 -18.07 4.79
CA GLY A 65 8.74 -18.57 3.47
C GLY A 65 8.06 -17.58 2.54
N LEU A 66 8.36 -16.29 2.68
CA LEU A 66 7.73 -15.29 1.81
C LEU A 66 8.44 -15.41 0.47
N TYR A 67 7.66 -15.39 -0.61
CA TYR A 67 8.14 -15.57 -1.98
C TYR A 67 7.73 -14.33 -2.76
N GLN A 68 8.66 -13.42 -3.05
CA GLN A 68 8.30 -12.21 -3.78
C GLN A 68 7.10 -11.41 -3.12
N PRO A 69 7.22 -11.03 -1.84
CA PRO A 69 6.09 -10.33 -1.20
C PRO A 69 5.86 -8.96 -1.89
N GLN A 70 4.60 -8.60 -2.09
CA GLN A 70 4.25 -7.50 -2.97
C GLN A 70 3.60 -6.26 -2.31
N GLY A 71 3.05 -6.47 -1.12
CA GLY A 71 2.21 -5.45 -0.49
C GLY A 71 2.10 -5.73 0.99
N LEU A 72 2.03 -4.67 1.79
CA LEU A 72 1.83 -4.82 3.22
C LEU A 72 1.00 -3.73 3.80
N ALA A 73 0.49 -4.05 4.99
CA ALA A 73 -0.25 -3.08 5.78
C ALA A 73 -0.07 -3.41 7.24
N VAL A 74 -0.14 -2.39 8.12
CA VAL A 74 -0.06 -2.59 9.56
C VAL A 74 -1.32 -1.97 10.15
N ASP A 75 -1.98 -2.71 11.05
CA ASP A 75 -3.23 -2.22 11.66
C ASP A 75 -2.96 -1.61 13.03
N GLY A 76 -4.01 -1.10 13.69
CA GLY A 76 -3.82 -0.36 14.92
C GLY A 76 -3.23 -1.17 16.08
N ALA A 77 -3.44 -2.48 16.06
CA ALA A 77 -2.84 -3.41 17.03
C ALA A 77 -1.38 -3.81 16.72
N GLY A 78 -0.87 -3.34 15.58
CA GLY A 78 0.48 -3.69 15.16
C GLY A 78 0.61 -5.01 14.41
N THR A 79 -0.50 -5.60 13.99
CA THR A 79 -0.47 -6.77 13.11
C THR A 79 -0.06 -6.36 11.69
N VAL A 80 0.89 -7.09 11.13
CA VAL A 80 1.40 -6.85 9.80
C VAL A 80 0.80 -7.88 8.87
N TYR A 81 0.24 -7.42 7.74
CA TYR A 81 -0.41 -8.26 6.79
C TYR A 81 0.39 -8.19 5.47
N VAL A 82 0.77 -9.30 4.88
CA VAL A 82 1.59 -9.28 3.66
C VAL A 82 1.03 -10.15 2.55
N THR A 83 1.08 -9.67 1.29
CA THR A 83 0.80 -10.52 0.13
C THR A 83 2.11 -11.06 -0.45
N ASP A 84 2.04 -12.23 -1.05
CA ASP A 84 3.18 -12.76 -1.82
C ASP A 84 2.78 -13.66 -2.97
N PHE A 85 3.75 -14.04 -3.80
CA PHE A 85 3.45 -14.78 -5.00
C PHE A 85 3.33 -16.30 -4.78
N ASN A 86 3.16 -16.75 -3.53
CA ASN A 86 2.50 -18.05 -3.25
C ASN A 86 0.98 -17.84 -3.31
N ASN A 87 0.56 -16.61 -3.62
CA ASN A 87 -0.85 -16.27 -3.85
C ASN A 87 -1.64 -16.36 -2.53
N ARG A 88 -1.11 -15.73 -1.50
CA ARG A 88 -1.78 -15.72 -0.21
C ARG A 88 -1.46 -14.44 0.51
N VAL A 89 -2.13 -14.24 1.65
CA VAL A 89 -1.95 -13.17 2.58
C VAL A 89 -1.54 -13.83 3.87
N VAL A 90 -0.39 -13.44 4.39
CA VAL A 90 0.08 -13.92 5.69
C VAL A 90 0.01 -12.77 6.71
N THR A 91 -0.31 -13.05 7.96
CA THR A 91 -0.32 -12.00 8.97
C THR A 91 0.60 -12.35 10.12
N LEU A 92 1.22 -11.34 10.73
CA LEU A 92 1.95 -11.53 11.98
C LEU A 92 1.49 -10.55 13.05
N ALA A 93 0.99 -11.08 14.17
CA ALA A 93 0.58 -10.26 15.31
C ALA A 93 1.80 -9.73 15.98
N ALA A 94 1.68 -8.58 16.62
CA ALA A 94 2.82 -7.86 17.14
C ALA A 94 3.62 -8.73 18.13
N GLY A 95 4.91 -8.91 17.84
CA GLY A 95 5.81 -9.69 18.67
C GLY A 95 5.60 -11.20 18.63
N SER A 96 4.72 -11.66 17.74
CA SER A 96 4.51 -13.09 17.57
C SER A 96 5.65 -13.58 16.66
N ASN A 97 5.93 -14.86 16.75
CA ASN A 97 6.78 -15.52 15.76
C ASN A 97 6.05 -16.61 15.01
N ASN A 98 4.71 -16.61 15.11
CA ASN A 98 3.89 -17.57 14.40
C ASN A 98 2.88 -16.88 13.49
N GLN A 99 3.20 -16.88 12.20
CA GLN A 99 2.34 -16.31 11.20
C GLN A 99 1.08 -17.17 10.99
N THR A 100 0.01 -16.53 10.52
CA THR A 100 -1.14 -17.26 10.04
C THR A 100 -1.53 -16.85 8.63
N VAL A 101 -2.01 -17.83 7.85
CA VAL A 101 -2.41 -17.62 6.47
C VAL A 101 -3.93 -17.41 6.47
N LEU A 102 -4.36 -16.23 6.04
CA LEU A 102 -5.80 -15.94 5.95
C LEU A 102 -6.44 -16.79 4.86
N PRO A 103 -7.70 -17.18 5.04
CA PRO A 103 -8.40 -18.00 4.02
C PRO A 103 -8.92 -17.26 2.77
N PHE A 104 -8.04 -16.59 2.04
CA PHE A 104 -8.36 -16.12 0.69
C PHE A 104 -8.35 -17.31 -0.28
N ASP A 105 -9.18 -17.25 -1.33
CA ASP A 105 -9.27 -18.27 -2.39
C ASP A 105 -8.96 -17.69 -3.75
N GLY A 106 -8.07 -18.37 -4.49
CA GLY A 106 -7.97 -18.12 -5.92
C GLY A 106 -7.19 -16.91 -6.30
N LEU A 107 -6.37 -16.42 -5.37
CA LEU A 107 -5.55 -15.26 -5.61
C LEU A 107 -4.55 -15.59 -6.72
N ASN A 108 -4.33 -14.63 -7.61
CA ASN A 108 -3.40 -14.81 -8.72
C ASN A 108 -2.59 -13.55 -8.83
N TYR A 109 -1.34 -13.58 -8.36
CA TYR A 109 -0.50 -12.40 -8.28
C TYR A 109 -1.13 -11.26 -7.45
N PRO A 110 -1.39 -11.50 -6.16
CA PRO A 110 -1.84 -10.42 -5.28
C PRO A 110 -0.78 -9.35 -5.16
N GLU A 111 -1.21 -8.12 -5.15
CA GLU A 111 -0.31 -7.00 -5.02
C GLU A 111 -0.62 -6.29 -3.70
N GLY A 112 -1.16 -5.08 -3.79
CA GLY A 112 -1.39 -4.27 -2.60
C GLY A 112 -2.54 -4.82 -1.82
N LEU A 113 -2.50 -4.56 -0.53
CA LEU A 113 -3.58 -4.85 0.38
C LEU A 113 -3.82 -3.70 1.33
N ALA A 114 -4.97 -3.75 2.01
CA ALA A 114 -5.39 -2.70 2.93
C ALA A 114 -6.20 -3.36 4.03
N VAL A 115 -6.22 -2.74 5.19
CA VAL A 115 -6.97 -3.22 6.35
C VAL A 115 -7.76 -2.04 6.89
N ASP A 116 -9.06 -2.23 7.04
CA ASP A 116 -9.94 -1.16 7.56
C ASP A 116 -10.07 -1.27 9.08
N THR A 117 -10.84 -0.35 9.68
CA THR A 117 -10.90 -0.18 11.13
C THR A 117 -11.61 -1.31 11.85
N GLN A 118 -12.29 -2.17 11.10
CA GLN A 118 -12.95 -3.34 11.67
C GLN A 118 -12.18 -4.64 11.41
N GLY A 119 -10.95 -4.54 10.91
CA GLY A 119 -10.13 -5.71 10.65
C GLY A 119 -10.33 -6.41 9.32
N ALA A 120 -11.16 -5.85 8.44
CA ALA A 120 -11.41 -6.46 7.15
C ALA A 120 -10.22 -6.21 6.22
N VAL A 121 -9.82 -7.27 5.54
CA VAL A 121 -8.69 -7.26 4.65
C VAL A 121 -9.06 -7.26 3.15
N TYR A 122 -8.52 -6.29 2.44
CA TYR A 122 -8.79 -6.04 1.03
C TYR A 122 -7.52 -6.30 0.23
N VAL A 123 -7.64 -6.97 -0.89
CA VAL A 123 -6.50 -7.35 -1.73
C VAL A 123 -6.74 -6.99 -3.17
N ALA A 124 -5.83 -6.23 -3.76
CA ALA A 124 -5.79 -6.09 -5.23
C ALA A 124 -5.23 -7.35 -5.91
N ASP A 125 -6.12 -8.11 -6.52
CA ASP A 125 -5.83 -9.42 -7.04
C ASP A 125 -5.59 -9.26 -8.53
N ARG A 126 -4.35 -8.92 -8.87
CA ARG A 126 -4.01 -8.33 -10.16
C ARG A 126 -4.25 -9.28 -11.30
N GLY A 127 -3.93 -10.55 -11.07
CA GLY A 127 -4.14 -11.59 -12.07
C GLY A 127 -5.60 -11.87 -12.38
N ASN A 128 -6.51 -11.49 -11.51
CA ASN A 128 -7.92 -11.74 -11.73
C ASN A 128 -8.66 -10.43 -11.94
N ASN A 129 -7.90 -9.34 -12.07
CA ASN A 129 -8.50 -8.03 -12.34
C ASN A 129 -9.68 -7.76 -11.42
N ARG A 130 -9.50 -7.99 -10.12
CA ARG A 130 -10.51 -7.75 -9.10
C ARG A 130 -9.88 -7.37 -7.75
N VAL A 131 -10.73 -6.87 -6.87
CA VAL A 131 -10.42 -6.65 -5.47
C VAL A 131 -11.30 -7.55 -4.63
N VAL A 132 -10.66 -8.31 -3.74
CA VAL A 132 -11.35 -9.21 -2.84
C VAL A 132 -11.30 -8.76 -1.40
N LYS A 133 -12.36 -9.07 -0.67
CA LYS A 133 -12.48 -8.67 0.73
C LYS A 133 -12.71 -9.84 1.64
N LEU A 134 -12.01 -9.84 2.75
CA LEU A 134 -12.26 -10.83 3.78
C LEU A 134 -12.54 -10.12 5.11
N ALA A 135 -13.75 -10.29 5.62
CA ALA A 135 -14.17 -9.70 6.91
C ALA A 135 -13.42 -10.42 8.01
N ALA A 136 -13.19 -9.73 9.12
CA ALA A 136 -12.35 -10.25 10.22
C ALA A 136 -12.99 -11.48 10.87
N GLY A 137 -12.25 -12.59 10.91
CA GLY A 137 -12.77 -13.85 11.40
C GLY A 137 -13.69 -14.61 10.42
N SER A 138 -13.93 -14.09 9.22
CA SER A 138 -14.76 -14.82 8.25
C SER A 138 -13.89 -15.85 7.49
N LYS A 139 -14.53 -16.91 6.99
CA LYS A 139 -13.84 -18.03 6.33
C LYS A 139 -14.06 -18.00 4.83
N THR A 140 -14.87 -17.05 4.33
CA THR A 140 -15.02 -16.86 2.90
C THR A 140 -14.93 -15.39 2.54
N GLN A 141 -14.27 -15.15 1.42
CA GLN A 141 -14.11 -13.81 0.87
C GLN A 141 -15.28 -13.32 0.06
N THR A 142 -15.30 -12.02 -0.18
CA THR A 142 -16.22 -11.34 -1.07
C THR A 142 -15.42 -10.69 -2.19
N VAL A 143 -15.99 -10.64 -3.39
CA VAL A 143 -15.43 -9.88 -4.49
C VAL A 143 -16.17 -8.54 -4.56
N LEU A 144 -15.44 -7.43 -4.43
CA LEU A 144 -16.04 -6.11 -4.49
C LEU A 144 -16.50 -5.75 -5.91
N PRO A 145 -17.64 -5.06 -5.99
CA PRO A 145 -18.23 -4.70 -7.27
C PRO A 145 -17.53 -3.62 -8.08
N PHE A 146 -16.24 -3.80 -8.39
CA PHE A 146 -15.57 -2.98 -9.35
C PHE A 146 -15.86 -3.56 -10.74
N THR A 147 -15.66 -2.75 -11.78
CA THR A 147 -15.91 -3.16 -13.17
C THR A 147 -14.85 -2.56 -14.08
N GLY A 148 -14.32 -3.39 -14.99
CA GLY A 148 -13.46 -2.92 -16.04
C GLY A 148 -11.99 -2.83 -15.65
N LEU A 149 -11.64 -3.41 -14.50
CA LEU A 149 -10.24 -3.36 -14.01
C LEU A 149 -9.30 -4.16 -14.93
N ASN A 150 -8.09 -3.61 -15.15
CA ASN A 150 -7.02 -4.22 -15.91
C ASN A 150 -5.71 -4.02 -15.14
N ASP A 151 -5.31 -5.09 -14.42
CA ASP A 151 -4.10 -5.19 -13.60
C ASP A 151 -4.12 -4.21 -12.45
N PRO A 152 -5.11 -4.30 -11.56
CA PRO A 152 -5.09 -3.47 -10.34
C PRO A 152 -3.94 -3.91 -9.43
N ASP A 153 -3.21 -2.92 -8.93
CA ASP A 153 -2.01 -3.15 -8.18
C ASP A 153 -2.07 -2.63 -6.76
N GLY A 154 -3.06 -1.80 -6.45
CA GLY A 154 -3.03 -1.04 -5.23
C GLY A 154 -4.45 -0.82 -4.72
N VAL A 155 -4.60 -1.01 -3.43
CA VAL A 155 -5.84 -0.75 -2.75
C VAL A 155 -5.66 -0.03 -1.38
N ALA A 156 -6.67 0.80 -1.07
CA ALA A 156 -6.70 1.61 0.15
C ALA A 156 -8.15 1.76 0.56
N VAL A 157 -8.38 1.81 1.86
CA VAL A 157 -9.72 1.95 2.42
C VAL A 157 -9.76 3.10 3.42
N ASP A 158 -10.68 4.04 3.26
CA ASP A 158 -10.76 5.13 4.24
C ASP A 158 -11.67 4.79 5.44
N ASN A 159 -11.68 5.69 6.42
CA ASN A 159 -12.50 5.56 7.62
C ASN A 159 -14.00 5.49 7.30
N SER A 160 -14.39 5.90 6.09
CA SER A 160 -15.80 5.80 5.70
C SER A 160 -16.15 4.59 4.84
N GLY A 161 -15.24 3.63 4.78
CA GLY A 161 -15.48 2.37 4.10
C GLY A 161 -15.42 2.55 2.60
N ASN A 162 -15.06 3.73 2.14
CA ASN A 162 -14.83 3.90 0.74
C ASN A 162 -13.57 3.08 0.43
N VAL A 163 -13.56 2.40 -0.71
CA VAL A 163 -12.41 1.63 -1.15
C VAL A 163 -11.85 2.25 -2.43
N TYR A 164 -10.52 2.33 -2.54
CA TYR A 164 -9.88 3.00 -3.62
C TYR A 164 -8.92 2.05 -4.31
N VAL A 165 -9.01 1.90 -5.62
CA VAL A 165 -8.11 1.01 -6.37
C VAL A 165 -7.36 1.72 -7.48
N THR A 166 -6.07 1.38 -7.67
CA THR A 166 -5.28 1.78 -8.84
C THR A 166 -5.51 0.77 -10.00
N ASP A 167 -6.35 1.18 -10.95
CA ASP A 167 -6.58 0.46 -12.18
C ASP A 167 -5.42 0.72 -13.12
N THR A 168 -4.34 -0.02 -12.91
CA THR A 168 -3.04 0.37 -13.47
C THR A 168 -3.02 0.56 -14.99
N ASP A 169 -3.45 -0.47 -15.72
CA ASP A 169 -3.39 -0.46 -17.18
C ASP A 169 -4.52 0.39 -17.79
N ASN A 170 -5.56 0.71 -17.02
CA ASN A 170 -6.54 1.72 -17.44
C ASN A 170 -6.16 3.17 -17.10
N ASN A 171 -4.98 3.36 -16.47
CA ASN A 171 -4.50 4.67 -16.06
C ASN A 171 -5.53 5.46 -15.31
N ARG A 172 -6.05 4.89 -14.25
CA ARG A 172 -7.04 5.57 -13.43
C ARG A 172 -7.16 4.98 -12.05
N VAL A 173 -7.79 5.75 -11.17
CA VAL A 173 -8.08 5.35 -9.81
C VAL A 173 -9.57 5.42 -9.62
N VAL A 174 -10.10 4.31 -9.12
CA VAL A 174 -11.51 4.15 -8.93
C VAL A 174 -11.81 4.03 -7.47
N LYS A 175 -12.86 4.70 -7.06
CA LYS A 175 -13.39 4.65 -5.73
C LYS A 175 -14.72 4.00 -5.82
N LEU A 176 -14.89 2.90 -5.08
CA LEU A 176 -16.20 2.30 -4.85
C LEU A 176 -16.73 3.00 -3.62
N GLU A 177 -17.77 3.81 -3.82
CA GLU A 177 -18.35 4.56 -2.71
C GLU A 177 -19.09 3.62 -1.79
N ALA A 178 -18.94 3.83 -0.49
CA ALA A 178 -19.55 2.95 0.51
C ALA A 178 -21.08 3.03 0.49
N GLU A 179 -21.62 4.23 0.30
CA GLU A 179 -23.08 4.44 0.29
C GLU A 179 -23.72 3.91 -1.00
N SER A 180 -23.37 4.51 -2.15
CA SER A 180 -24.04 4.16 -3.42
C SER A 180 -23.59 2.84 -4.05
N ASN A 181 -22.38 2.39 -3.69
CA ASN A 181 -21.70 1.28 -4.34
C ASN A 181 -21.41 1.58 -5.81
N ASN A 182 -21.32 2.87 -6.13
CA ASN A 182 -20.98 3.30 -7.47
C ASN A 182 -19.48 3.44 -7.60
N GLN A 183 -19.01 3.25 -8.82
CA GLN A 183 -17.64 3.37 -9.18
C GLN A 183 -17.41 4.79 -9.72
N VAL A 184 -16.57 5.56 -9.05
CA VAL A 184 -16.26 6.90 -9.56
C VAL A 184 -14.82 6.90 -10.03
N VAL A 185 -14.57 7.37 -11.21
CA VAL A 185 -13.22 7.54 -11.66
C VAL A 185 -12.83 8.88 -11.05
N LEU A 186 -12.01 8.79 -10.00
CA LEU A 186 -11.49 9.96 -9.34
C LEU A 186 -10.79 10.91 -10.32
N PRO A 187 -11.03 12.20 -10.14
CA PRO A 187 -10.46 13.23 -11.01
C PRO A 187 -8.95 13.47 -10.88
N PHE A 188 -8.12 12.42 -10.92
CA PHE A 188 -6.70 12.64 -11.03
C PHE A 188 -6.45 13.34 -12.37
N THR A 189 -5.40 14.16 -12.41
CA THR A 189 -5.00 14.88 -13.62
C THR A 189 -3.92 14.07 -14.39
N ASP A 190 -4.26 13.50 -15.54
CA ASP A 190 -3.25 12.84 -16.37
C ASP A 190 -2.47 11.71 -15.62
N ILE A 191 -3.17 10.92 -14.80
CA ILE A 191 -2.55 9.80 -14.06
C ILE A 191 -1.99 8.75 -15.04
N THR A 192 -0.74 8.31 -14.88
CA THR A 192 -0.21 7.22 -15.71
C THR A 192 0.20 5.98 -14.89
N ALA A 193 -0.34 4.82 -15.26
CA ALA A 193 0.07 3.53 -14.69
C ALA A 193 0.23 3.61 -13.19
N PRO A 194 -0.84 4.05 -12.54
CA PRO A 194 -0.85 4.21 -11.10
C PRO A 194 -0.78 2.82 -10.42
N TRP A 195 -0.07 2.72 -9.29
CA TRP A 195 0.27 1.47 -8.64
C TRP A 195 0.05 1.58 -7.13
N GLY A 196 0.97 2.22 -6.40
CA GLY A 196 0.80 2.38 -4.97
C GLY A 196 -0.34 3.35 -4.64
N ILE A 197 -1.05 3.13 -3.55
CA ILE A 197 -2.05 4.07 -3.11
C ILE A 197 -2.21 4.00 -1.60
N ALA A 198 -2.59 5.14 -1.02
CA ALA A 198 -2.91 5.30 0.39
C ALA A 198 -3.90 6.43 0.53
N VAL A 199 -4.67 6.35 1.60
CA VAL A 199 -5.63 7.39 1.95
C VAL A 199 -5.31 7.82 3.35
N ASP A 200 -5.25 9.13 3.59
CA ASP A 200 -4.95 9.61 4.93
C ASP A 200 -6.24 9.91 5.66
N GLU A 201 -6.13 10.32 6.91
CA GLU A 201 -7.30 10.49 7.78
C GLU A 201 -8.21 11.67 7.34
N ALA A 202 -7.68 12.59 6.51
CA ALA A 202 -8.44 13.68 5.90
C ALA A 202 -9.10 13.33 4.55
N GLY A 203 -9.05 12.06 4.17
CA GLY A 203 -9.64 11.57 2.91
C GLY A 203 -8.81 11.84 1.66
N THR A 204 -7.57 12.29 1.83
CA THR A 204 -6.71 12.65 0.74
C THR A 204 -6.06 11.38 0.22
N VAL A 205 -6.00 11.24 -1.11
CA VAL A 205 -5.59 9.99 -1.78
C VAL A 205 -4.28 10.21 -2.46
N TYR A 206 -3.28 9.39 -2.12
CA TYR A 206 -1.95 9.45 -2.67
C TYR A 206 -1.75 8.24 -3.57
N VAL A 207 -1.20 8.47 -4.76
CA VAL A 207 -0.93 7.42 -5.72
C VAL A 207 0.43 7.54 -6.38
N THR A 208 1.12 6.41 -6.56
CA THR A 208 2.35 6.42 -7.32
C THR A 208 2.02 6.09 -8.75
N GLU A 209 2.67 6.82 -9.65
CA GLU A 209 2.62 6.58 -11.08
C GLU A 209 3.92 5.89 -11.35
N HIS A 210 3.93 4.57 -11.48
CA HIS A 210 5.15 3.79 -11.19
C HIS A 210 6.20 3.75 -12.28
N ASN A 211 5.80 3.95 -13.53
CA ASN A 211 6.80 3.94 -14.61
C ASN A 211 7.17 5.35 -15.11
N THR A 212 6.48 6.34 -14.56
CA THR A 212 6.71 7.76 -14.83
C THR A 212 7.39 8.50 -13.61
N ASN A 213 7.60 7.77 -12.50
CA ASN A 213 8.41 8.18 -11.34
C ASN A 213 8.00 9.44 -10.63
N GLN A 214 6.69 9.57 -10.43
CA GLN A 214 6.08 10.62 -9.62
C GLN A 214 5.08 10.02 -8.62
N VAL A 215 4.69 10.86 -7.67
CA VAL A 215 3.67 10.56 -6.70
C VAL A 215 2.74 11.75 -6.67
N VAL A 216 1.43 11.49 -6.78
CA VAL A 216 0.45 12.54 -6.88
C VAL A 216 -0.57 12.40 -5.79
N LYS A 217 -1.29 13.48 -5.52
CA LYS A 217 -2.31 13.44 -4.51
C LYS A 217 -3.58 14.12 -4.94
N LEU A 218 -4.67 13.71 -4.33
CA LEU A 218 -5.95 14.29 -4.63
C LEU A 218 -6.63 14.60 -3.33
N LEU A 219 -6.93 15.88 -3.12
CA LEU A 219 -7.64 16.26 -1.89
C LEU A 219 -9.10 15.83 -1.91
N ALA A 220 -9.62 15.42 -0.75
CA ALA A 220 -10.97 14.85 -0.66
C ALA A 220 -12.04 15.84 -1.10
N GLY A 221 -12.91 15.39 -2.02
CA GLY A 221 -13.92 16.24 -2.64
C GLY A 221 -13.43 17.24 -3.68
N SER A 222 -12.11 17.30 -3.91
CA SER A 222 -11.55 18.21 -4.92
C SER A 222 -11.64 17.67 -6.36
N THR A 223 -11.60 18.62 -7.31
CA THR A 223 -11.74 18.37 -8.77
C THR A 223 -10.43 18.15 -9.49
N THR A 224 -9.30 18.56 -8.92
CA THR A 224 -8.02 18.13 -9.49
C THR A 224 -6.86 17.95 -8.46
N SER A 225 -5.79 17.33 -8.99
CA SER A 225 -4.69 16.71 -8.26
C SER A 225 -3.38 17.51 -8.38
N THR A 226 -2.37 17.17 -7.57
CA THR A 226 -1.03 17.77 -7.63
C THR A 226 0.09 16.75 -7.57
N VAL A 227 1.25 17.12 -8.10
CA VAL A 227 2.43 16.28 -8.09
C VAL A 227 3.28 16.62 -6.84
N LEU A 228 3.35 15.69 -5.89
CA LEU A 228 4.25 15.85 -4.73
C LEU A 228 5.67 16.10 -5.23
N PRO A 229 6.40 16.99 -4.58
CA PRO A 229 7.79 17.31 -4.97
C PRO A 229 8.87 16.30 -4.57
N PHE A 230 8.68 15.02 -4.88
CA PHE A 230 9.78 14.05 -4.84
C PHE A 230 10.77 14.29 -5.99
N THR A 231 12.00 13.81 -5.81
CA THR A 231 13.07 13.88 -6.82
C THR A 231 13.86 12.58 -6.88
N GLY A 232 14.27 12.20 -8.08
CA GLY A 232 15.04 10.99 -8.26
C GLY A 232 14.32 9.65 -8.04
N LEU A 233 13.00 9.62 -7.96
CA LEU A 233 12.29 8.34 -7.91
C LEU A 233 12.64 7.42 -9.09
N ASN A 234 12.69 6.11 -8.83
CA ASN A 234 12.84 5.12 -9.89
C ASN A 234 11.92 3.93 -9.62
N THR A 235 10.78 3.88 -10.27
CA THR A 235 9.78 2.86 -10.02
C THR A 235 9.22 2.88 -8.57
N PRO A 236 8.51 3.95 -8.23
CA PRO A 236 7.78 4.01 -6.96
C PRO A 236 6.59 3.08 -7.04
N LEU A 237 6.54 2.07 -6.18
CA LEU A 237 5.53 1.01 -6.21
C LEU A 237 4.58 1.03 -4.96
N ALA A 238 4.92 1.76 -3.95
CA ALA A 238 3.99 1.90 -2.82
C ALA A 238 4.18 3.22 -2.12
N VAL A 239 3.23 3.53 -1.24
CA VAL A 239 3.17 4.81 -0.60
C VAL A 239 2.40 4.64 0.71
N ALA A 240 2.91 5.28 1.75
CA ALA A 240 2.21 5.34 3.01
C ALA A 240 2.20 6.74 3.52
N VAL A 241 1.36 6.97 4.52
CA VAL A 241 1.14 8.26 5.06
C VAL A 241 0.80 8.07 6.56
N ASP A 242 1.47 8.87 7.40
CA ASP A 242 1.33 8.73 8.84
C ASP A 242 0.44 9.88 9.31
N SER A 243 0.32 10.02 10.63
CA SER A 243 -0.61 10.97 11.23
C SER A 243 -0.13 12.42 11.08
N ASP A 244 1.17 12.60 10.85
CA ASP A 244 1.76 13.90 10.55
C ASP A 244 1.51 14.23 9.09
N ARG A 245 0.79 13.34 8.41
CA ARG A 245 0.67 13.39 6.95
C ARG A 245 2.03 13.46 6.23
N THR A 246 3.05 12.84 6.81
CA THR A 246 4.29 12.52 6.11
C THR A 246 4.05 11.32 5.17
N VAL A 247 4.59 11.44 3.95
CA VAL A 247 4.42 10.48 2.89
C VAL A 247 5.73 9.71 2.69
N TYR A 248 5.61 8.39 2.67
CA TYR A 248 6.72 7.47 2.55
C TYR A 248 6.55 6.74 1.23
N VAL A 249 7.62 6.55 0.48
CA VAL A 249 7.54 5.91 -0.83
C VAL A 249 8.56 4.79 -0.95
N ALA A 250 8.09 3.64 -1.41
CA ALA A 250 8.91 2.49 -1.74
C ALA A 250 9.54 2.74 -3.09
N ASP A 251 10.80 3.16 -3.07
CA ASP A 251 11.49 3.64 -4.29
C ASP A 251 12.29 2.48 -4.83
N ARG A 252 11.55 1.62 -5.53
CA ARG A 252 11.93 0.23 -5.73
C ARG A 252 13.27 0.07 -6.53
N GLY A 253 13.41 0.86 -7.59
CA GLY A 253 14.61 0.86 -8.39
C GLY A 253 15.87 1.42 -7.73
N ASN A 254 15.71 2.12 -6.60
CA ASN A 254 16.83 2.69 -5.85
C ASN A 254 17.11 1.94 -4.52
N ASP A 255 16.46 0.78 -4.30
CA ASP A 255 16.55 0.05 -3.02
C ASP A 255 16.49 0.94 -1.79
N ARG A 256 15.47 1.79 -1.75
CA ARG A 256 15.35 2.73 -0.67
C ARG A 256 13.89 3.11 -0.47
N VAL A 257 13.63 3.68 0.71
CA VAL A 257 12.37 4.36 1.04
C VAL A 257 12.68 5.83 1.24
N VAL A 258 11.94 6.70 0.56
CA VAL A 258 12.12 8.11 0.73
C VAL A 258 10.87 8.70 1.39
N LYS A 259 11.12 9.75 2.15
CA LYS A 259 10.12 10.33 3.02
C LYS A 259 9.97 11.82 2.72
N LEU A 260 8.74 12.32 2.74
CA LEU A 260 8.47 13.71 2.46
C LEU A 260 7.48 14.27 3.47
N THR A 261 7.92 15.25 4.26
CA THR A 261 7.07 15.80 5.33
C THR A 261 6.25 16.95 4.76
N SER A 262 5.06 17.14 5.32
CA SER A 262 4.13 18.15 4.84
C SER A 262 3.99 19.23 5.88
N LEU A 263 4.44 18.94 7.10
CA LEU A 263 4.33 19.89 8.21
C LEU A 263 4.82 21.30 7.85
N GLU A 264 4.04 22.29 8.29
CA GLU A 264 4.32 23.69 8.02
C GLU A 264 5.49 24.21 8.83
N HIS A 265 6.15 25.20 8.25
CA HIS A 265 7.31 25.84 8.84
C HIS A 265 6.91 27.16 9.52
N HIS A 266 7.21 27.29 10.79
CA HIS A 266 6.86 28.49 11.58
C HIS A 266 7.39 29.79 10.97
N HIS A 267 6.48 30.76 10.87
CA HIS A 267 6.65 32.08 10.21
C HIS A 267 7.55 32.20 8.94
N HIS A 268 7.76 31.12 8.19
CA HIS A 268 8.48 31.24 6.91
C HIS A 268 7.56 31.72 5.76
CD CD B . 8.40 -6.56 -8.44
CD CD C . -0.10 -4.28 -16.78
CD CD D . 5.71 -14.26 -12.84
CD CD E . -11.68 -20.66 1.14
#